data_4LNR
#
_entry.id   4LNR
#
_cell.length_a   50.799
_cell.length_b   81.417
_cell.length_c   108.970
_cell.angle_alpha   90.00
_cell.angle_beta   90.00
_cell.angle_gamma   90.00
#
_symmetry.space_group_name_H-M   'P 21 21 21'
#
loop_
_entity.id
_entity.type
_entity.pdbx_description
1 polymer 'HLA class I histocompatibility antigen, B-35 alpha chain'
2 polymer Beta-2-microglobulin
3 polymer 'Peptide from Protein Nef'
4 water water
#
loop_
_entity_poly.entity_id
_entity_poly.type
_entity_poly.pdbx_seq_one_letter_code
_entity_poly.pdbx_strand_id
1 'polypeptide(L)'
;GSHSMRYFYTAMSRPGRGEPRFIAVGYVDDTQFVRFDSDAASPRTEPRAPWIEQEGPEYWDRNTQIFKTNTQTYRESLRN
LRGYYNQSEAGSHIIQRMYGCDLGPDGRLLRGHDQSAYDGKDYIALNEDLSSWTAADTAAQITQRKWEAARVAEQLRAYL
EGLCVEWLRRYLENGKETLQRADPPKTHVTHHPVSDHEATLRCWALGFYPAEITLTWQRDGEDQTQDTELVETRPAGDRT
FQKWAAVVVPSGEEQRYTCHVQHEGLPKPLTLRWEP
;
A
2 'polypeptide(L)'
;IQRTPKIQVYSRHPAENGKSNFLNCYVSGFHPSDIEVDLLKNGERIEKVEHSDLSFSKDWSFYLLYYTEFTPTEKDEYAC
RVNHVTLSQPKIVKWDRDM
;
B
3 'polypeptide(L)' RPQVPLRPMTY C
#
# COMPACT_ATOMS: atom_id res chain seq x y z
N GLY A 1 6.29 -17.24 7.66
CA GLY A 1 5.56 -18.02 8.64
C GLY A 1 4.14 -17.54 8.83
N SER A 2 3.99 -16.28 9.19
CA SER A 2 2.67 -15.70 9.42
C SER A 2 2.10 -15.15 8.12
N HIS A 3 0.78 -15.16 8.00
CA HIS A 3 0.12 -14.70 6.79
C HIS A 3 -1.19 -13.98 7.09
N SER A 4 -1.58 -13.10 6.18
CA SER A 4 -2.81 -12.35 6.35
C SER A 4 -3.53 -12.15 5.04
N MET A 5 -4.84 -12.04 5.11
CA MET A 5 -5.63 -11.61 3.97
C MET A 5 -6.35 -10.33 4.34
N ARG A 6 -6.45 -9.42 3.38
CA ARG A 6 -7.03 -8.12 3.67
C ARG A 6 -7.71 -7.57 2.42
N TYR A 7 -8.91 -7.03 2.61
CA TYR A 7 -9.60 -6.32 1.54
C TYR A 7 -9.62 -4.83 1.86
N PHE A 8 -9.36 -4.01 0.85
CA PHE A 8 -9.35 -2.58 1.04
C PHE A 8 -10.42 -1.95 0.14
N TYR A 9 -11.43 -1.32 0.76
CA TYR A 9 -12.47 -0.62 0.01
C TYR A 9 -12.27 0.88 0.08
N THR A 10 -12.40 1.55 -1.05
CA THR A 10 -12.41 3.01 -1.09
C THR A 10 -13.65 3.49 -1.84
N ALA A 11 -14.46 4.31 -1.18
CA ALA A 11 -15.64 4.90 -1.79
C ALA A 11 -15.49 6.42 -1.75
N MET A 12 -15.58 7.06 -2.90
CA MET A 12 -15.27 8.47 -3.03
C MET A 12 -16.40 9.22 -3.72
N SER A 13 -17.00 10.17 -3.00
CA SER A 13 -18.05 11.01 -3.59
C SER A 13 -17.43 12.13 -4.42
N ARG A 14 -18.21 12.69 -5.35
CA ARG A 14 -17.71 13.69 -6.28
C ARG A 14 -18.88 14.45 -6.90
N PRO A 15 -19.54 15.30 -6.09
CA PRO A 15 -20.73 16.03 -6.55
C PRO A 15 -20.48 16.77 -7.85
N GLY A 16 -21.41 16.64 -8.80
CA GLY A 16 -21.29 17.30 -10.08
C GLY A 16 -20.57 16.45 -11.11
N ARG A 17 -20.02 15.33 -10.66
CA ARG A 17 -19.26 14.45 -11.52
C ARG A 17 -19.70 12.99 -11.39
N GLY A 18 -21.00 12.81 -11.21
CA GLY A 18 -21.58 11.47 -11.15
C GLY A 18 -21.62 10.89 -9.76
N GLU A 19 -22.03 9.63 -9.67
CA GLU A 19 -22.17 8.95 -8.39
C GLU A 19 -20.81 8.52 -7.84
N PRO A 20 -20.72 8.32 -6.52
CA PRO A 20 -19.45 7.96 -5.90
C PRO A 20 -18.80 6.72 -6.51
N ARG A 21 -17.50 6.82 -6.74
CA ARG A 21 -16.70 5.70 -7.25
C ARG A 21 -16.42 4.72 -6.10
N PHE A 22 -16.52 3.42 -6.39
CA PHE A 22 -16.18 2.40 -5.41
C PHE A 22 -15.05 1.52 -5.96
N ILE A 23 -13.94 1.47 -5.24
CA ILE A 23 -12.84 0.60 -5.61
C ILE A 23 -12.55 -0.39 -4.49
N ALA A 24 -12.38 -1.66 -4.84
CA ALA A 24 -12.01 -2.69 -3.88
C ALA A 24 -10.81 -3.47 -4.38
N VAL A 25 -9.84 -3.71 -3.50
CA VAL A 25 -8.71 -4.56 -3.84
C VAL A 25 -8.49 -5.59 -2.73
N GLY A 26 -7.97 -6.76 -3.11
CA GLY A 26 -7.70 -7.82 -2.16
C GLY A 26 -6.23 -8.19 -2.15
N TYR A 27 -5.70 -8.46 -0.96
CA TYR A 27 -4.29 -8.82 -0.81
C TYR A 27 -4.14 -10.07 0.05
N VAL A 28 -3.18 -10.92 -0.31
CA VAL A 28 -2.63 -11.87 0.64
C VAL A 28 -1.23 -11.36 0.94
N ASP A 29 -0.97 -11.03 2.20
CA ASP A 29 0.29 -10.40 2.57
C ASP A 29 0.52 -9.18 1.69
N ASP A 30 1.68 -9.13 1.02
CA ASP A 30 1.99 -7.98 0.16
C ASP A 30 1.73 -8.25 -1.32
N THR A 31 0.85 -9.21 -1.59
CA THR A 31 0.53 -9.60 -2.96
C THR A 31 -0.94 -9.33 -3.26
N GLN A 32 -1.21 -8.37 -4.14
CA GLN A 32 -2.58 -8.11 -4.56
C GLN A 32 -3.04 -9.24 -5.46
N PHE A 33 -4.31 -9.66 -5.35
CA PHE A 33 -4.80 -10.76 -6.17
C PHE A 33 -6.13 -10.50 -6.89
N VAL A 34 -6.88 -9.50 -6.44
CA VAL A 34 -8.11 -9.10 -7.12
C VAL A 34 -8.29 -7.59 -7.10
N ARG A 35 -9.11 -7.10 -8.03
CA ARG A 35 -9.51 -5.70 -8.03
C ARG A 35 -10.93 -5.57 -8.57
N PHE A 36 -11.58 -4.45 -8.22
CA PHE A 36 -12.87 -4.09 -8.77
C PHE A 36 -12.98 -2.57 -8.75
N ASP A 37 -13.42 -1.99 -9.86
CA ASP A 37 -13.53 -0.55 -9.99
C ASP A 37 -14.87 -0.23 -10.65
N SER A 38 -15.74 0.46 -9.93
CA SER A 38 -17.08 0.77 -10.44
C SER A 38 -17.02 1.73 -11.62
N ASP A 39 -15.86 2.32 -11.85
CA ASP A 39 -15.68 3.26 -12.95
C ASP A 39 -15.24 2.59 -14.26
N ALA A 40 -14.87 1.32 -14.17
CA ALA A 40 -14.39 0.59 -15.35
C ALA A 40 -15.48 0.49 -16.42
N ALA A 41 -15.07 0.44 -17.69
CA ALA A 41 -16.03 0.40 -18.80
C ALA A 41 -17.12 -0.63 -18.55
N SER A 42 -16.71 -1.83 -18.15
CA SER A 42 -17.63 -2.87 -17.73
C SER A 42 -17.14 -3.46 -16.41
N PRO A 43 -17.67 -2.96 -15.29
CA PRO A 43 -17.24 -3.29 -13.93
C PRO A 43 -17.35 -4.78 -13.60
N ARG A 44 -16.22 -5.39 -13.28
CA ARG A 44 -16.20 -6.80 -12.91
C ARG A 44 -14.96 -7.09 -12.07
N THR A 45 -15.05 -8.07 -11.19
CA THR A 45 -13.89 -8.50 -10.42
C THR A 45 -12.86 -9.10 -11.37
N GLU A 46 -11.62 -8.64 -11.29
CA GLU A 46 -10.55 -9.11 -12.16
C GLU A 46 -9.36 -9.67 -11.38
N PRO A 47 -8.70 -10.68 -11.95
CA PRO A 47 -7.51 -11.30 -11.34
C PRO A 47 -6.28 -10.40 -11.47
N ARG A 48 -5.46 -10.38 -10.41
CA ARG A 48 -4.25 -9.57 -10.40
C ARG A 48 -3.06 -10.38 -9.91
N ALA A 49 -3.26 -11.69 -9.79
CA ALA A 49 -2.21 -12.62 -9.45
C ALA A 49 -2.48 -13.95 -10.15
N PRO A 50 -1.44 -14.58 -10.69
CA PRO A 50 -1.61 -15.81 -11.48
C PRO A 50 -2.41 -16.89 -10.76
N TRP A 51 -2.12 -17.11 -9.48
CA TRP A 51 -2.70 -18.23 -8.74
C TRP A 51 -4.20 -18.13 -8.49
N ILE A 52 -4.78 -16.95 -8.72
CA ILE A 52 -6.22 -16.78 -8.51
C ILE A 52 -7.02 -17.12 -9.77
N GLU A 53 -6.35 -17.13 -10.91
CA GLU A 53 -7.02 -17.34 -12.20
C GLU A 53 -7.76 -18.68 -12.28
N GLN A 54 -7.28 -19.68 -11.54
CA GLN A 54 -7.88 -21.01 -11.61
C GLN A 54 -9.28 -21.06 -11.01
N GLU A 55 -9.64 -20.06 -10.22
CA GLU A 55 -10.97 -20.05 -9.61
C GLU A 55 -12.04 -20.04 -10.71
N GLY A 56 -13.16 -20.71 -10.44
CA GLY A 56 -14.20 -20.88 -11.43
C GLY A 56 -15.07 -19.65 -11.63
N PRO A 57 -15.91 -19.68 -12.67
CA PRO A 57 -16.79 -18.56 -13.00
C PRO A 57 -17.73 -18.21 -11.85
N GLU A 58 -18.10 -19.21 -11.06
CA GLU A 58 -18.96 -18.99 -9.91
C GLU A 58 -18.29 -18.03 -8.94
N TYR A 59 -16.99 -18.22 -8.73
CA TYR A 59 -16.19 -17.37 -7.85
C TYR A 59 -16.20 -15.92 -8.33
N TRP A 60 -15.94 -15.73 -9.61
CA TRP A 60 -15.84 -14.38 -10.16
C TRP A 60 -17.19 -13.67 -10.21
N ASP A 61 -18.25 -14.42 -10.52
CA ASP A 61 -19.58 -13.85 -10.56
C ASP A 61 -20.07 -13.48 -9.15
N ARG A 62 -19.70 -14.29 -8.16
CA ARG A 62 -20.09 -14.01 -6.79
C ARG A 62 -19.37 -12.77 -6.26
N ASN A 63 -18.08 -12.68 -6.55
CA ASN A 63 -17.30 -11.51 -6.18
C ASN A 63 -17.88 -10.23 -6.78
N THR A 64 -18.22 -10.28 -8.06
CA THR A 64 -18.74 -9.13 -8.77
C THR A 64 -20.09 -8.69 -8.22
N GLN A 65 -20.95 -9.66 -7.95
CA GLN A 65 -22.24 -9.37 -7.30
C GLN A 65 -22.02 -8.61 -5.99
N ILE A 66 -21.09 -9.10 -5.18
CA ILE A 66 -20.80 -8.47 -3.89
C ILE A 66 -20.29 -7.03 -4.04
N PHE A 67 -19.37 -6.82 -4.98
CA PHE A 67 -18.78 -5.48 -5.14
C PHE A 67 -19.75 -4.51 -5.79
N LYS A 68 -20.63 -5.02 -6.65
CA LYS A 68 -21.67 -4.20 -7.23
C LYS A 68 -22.68 -3.77 -6.15
N THR A 69 -23.06 -4.73 -5.30
CA THR A 69 -23.93 -4.43 -4.17
C THR A 69 -23.25 -3.40 -3.26
N ASN A 70 -21.97 -3.63 -2.96
CA ASN A 70 -21.20 -2.69 -2.15
C ASN A 70 -21.15 -1.30 -2.76
N THR A 71 -21.00 -1.23 -4.09
CA THR A 71 -21.00 0.05 -4.77
C THR A 71 -22.23 0.85 -4.35
N GLN A 72 -23.40 0.23 -4.42
CA GLN A 72 -24.64 0.90 -4.06
C GLN A 72 -24.74 1.18 -2.56
N THR A 73 -24.34 0.20 -1.74
CA THR A 73 -24.40 0.36 -0.30
C THR A 73 -23.52 1.52 0.16
N TYR A 74 -22.31 1.60 -0.38
CA TYR A 74 -21.38 2.65 0.04
C TYR A 74 -21.80 4.04 -0.42
N ARG A 75 -22.55 4.11 -1.51
CA ARG A 75 -23.11 5.39 -1.95
C ARG A 75 -24.13 5.89 -0.93
N GLU A 76 -24.94 4.98 -0.42
CA GLU A 76 -25.90 5.33 0.62
C GLU A 76 -25.17 5.69 1.92
N SER A 77 -24.11 4.94 2.23
CA SER A 77 -23.34 5.24 3.44
C SER A 77 -22.70 6.62 3.36
N LEU A 78 -22.21 6.99 2.18
CA LEU A 78 -21.64 8.32 1.97
C LEU A 78 -22.68 9.40 2.21
N ARG A 79 -23.90 9.19 1.72
CA ARG A 79 -24.99 10.13 1.97
C ARG A 79 -25.27 10.21 3.46
N ASN A 80 -25.30 9.05 4.12
CA ASN A 80 -25.58 8.99 5.55
C ASN A 80 -24.57 9.80 6.36
N LEU A 81 -23.27 9.57 6.13
CA LEU A 81 -22.23 10.25 6.88
C LEU A 81 -22.20 11.76 6.61
N ARG A 82 -22.49 12.16 5.38
CA ARG A 82 -22.60 13.57 5.08
C ARG A 82 -23.62 14.18 6.04
N GLY A 83 -24.76 13.51 6.17
CA GLY A 83 -25.81 13.94 7.08
C GLY A 83 -25.38 13.92 8.53
N TYR A 84 -24.68 12.87 8.94
CA TYR A 84 -24.22 12.74 10.32
C TYR A 84 -23.37 13.93 10.76
N TYR A 85 -22.60 14.47 9.82
CA TYR A 85 -21.70 15.59 10.11
C TYR A 85 -22.24 16.93 9.62
N ASN A 86 -23.50 16.95 9.20
CA ASN A 86 -24.12 18.18 8.73
C ASN A 86 -23.30 18.87 7.64
N GLN A 87 -22.71 18.09 6.75
CA GLN A 87 -21.83 18.63 5.73
C GLN A 87 -22.58 19.05 4.47
N SER A 88 -21.95 19.94 3.70
CA SER A 88 -22.53 20.44 2.46
C SER A 88 -22.59 19.35 1.41
N GLU A 89 -23.58 19.44 0.52
CA GLU A 89 -23.68 18.49 -0.58
C GLU A 89 -22.70 18.82 -1.70
N ALA A 90 -21.93 19.89 -1.50
CA ALA A 90 -20.98 20.33 -2.51
C ALA A 90 -19.60 19.67 -2.35
N GLY A 91 -19.35 19.11 -1.18
CA GLY A 91 -18.05 18.56 -0.88
C GLY A 91 -17.84 17.13 -1.30
N SER A 92 -16.58 16.80 -1.61
CA SER A 92 -16.19 15.43 -1.90
C SER A 92 -15.70 14.77 -0.62
N HIS A 93 -16.13 13.54 -0.38
CA HIS A 93 -15.72 12.81 0.82
C HIS A 93 -15.38 11.36 0.51
N ILE A 94 -14.70 10.71 1.45
CA ILE A 94 -14.21 9.35 1.25
C ILE A 94 -14.46 8.46 2.46
N ILE A 95 -15.09 7.33 2.22
CA ILE A 95 -15.12 6.25 3.21
C ILE A 95 -14.11 5.18 2.79
N GLN A 96 -13.30 4.75 3.74
CA GLN A 96 -12.39 3.62 3.51
C GLN A 96 -12.71 2.53 4.51
N ARG A 97 -12.54 1.28 4.08
CA ARG A 97 -12.72 0.14 4.98
C ARG A 97 -11.64 -0.89 4.68
N MET A 98 -11.06 -1.45 5.74
CA MET A 98 -10.14 -2.57 5.57
C MET A 98 -10.49 -3.66 6.56
N TYR A 99 -10.56 -4.89 6.07
CA TYR A 99 -10.90 -6.03 6.92
C TYR A 99 -10.17 -7.28 6.45
N GLY A 100 -10.06 -8.25 7.34
CA GLY A 100 -9.39 -9.49 7.00
C GLY A 100 -8.91 -10.24 8.22
N CYS A 101 -8.17 -11.31 7.98
CA CYS A 101 -7.75 -12.20 9.06
C CYS A 101 -6.24 -12.36 9.09
N ASP A 102 -5.70 -12.55 10.29
CA ASP A 102 -4.29 -12.83 10.48
C ASP A 102 -4.13 -14.27 10.92
N LEU A 103 -3.19 -14.99 10.30
CA LEU A 103 -2.86 -16.35 10.71
C LEU A 103 -1.49 -16.40 11.35
N GLY A 104 -1.32 -17.27 12.33
CA GLY A 104 -0.02 -17.49 12.95
C GLY A 104 0.83 -18.42 12.10
N PRO A 105 2.11 -18.58 12.47
CA PRO A 105 3.04 -19.42 11.70
C PRO A 105 2.60 -20.89 11.65
N ASP A 106 1.52 -21.23 12.35
CA ASP A 106 1.01 -22.60 12.37
C ASP A 106 -0.25 -22.74 11.53
N GLY A 107 -0.82 -21.61 11.13
CA GLY A 107 -2.02 -21.62 10.30
C GLY A 107 -3.30 -21.28 11.03
N ARG A 108 -3.22 -21.18 12.36
CA ARG A 108 -4.38 -20.83 13.17
C ARG A 108 -4.69 -19.34 13.12
N LEU A 109 -5.96 -18.99 13.30
CA LEU A 109 -6.37 -17.59 13.34
C LEU A 109 -5.75 -16.86 14.53
N LEU A 110 -4.97 -15.83 14.24
CA LEU A 110 -4.34 -15.03 15.27
C LEU A 110 -5.30 -13.94 15.73
N ARG A 111 -5.85 -13.20 14.78
CA ARG A 111 -6.90 -12.22 15.07
C ARG A 111 -7.57 -11.73 13.79
N GLY A 112 -8.75 -11.14 13.94
CA GLY A 112 -9.50 -10.58 12.84
C GLY A 112 -9.52 -9.07 12.88
N HIS A 113 -9.80 -8.45 11.74
CA HIS A 113 -9.81 -6.99 11.62
C HIS A 113 -11.01 -6.51 10.81
N ASP A 114 -11.53 -5.35 11.18
CA ASP A 114 -12.52 -4.64 10.36
C ASP A 114 -12.61 -3.19 10.83
N GLN A 115 -11.99 -2.28 10.08
CA GLN A 115 -11.92 -0.89 10.47
C GLN A 115 -12.39 0.01 9.33
N SER A 116 -13.12 1.06 9.68
CA SER A 116 -13.54 2.06 8.69
C SER A 116 -13.06 3.45 9.05
N ALA A 117 -12.91 4.29 8.04
CA ALA A 117 -12.47 5.66 8.21
C ALA A 117 -13.29 6.58 7.32
N TYR A 118 -13.40 7.85 7.71
CA TYR A 118 -14.10 8.85 6.92
C TYR A 118 -13.17 10.02 6.71
N ASP A 119 -12.92 10.35 5.45
CA ASP A 119 -11.98 11.41 5.11
C ASP A 119 -10.62 11.22 5.79
N GLY A 120 -10.19 9.96 5.87
CA GLY A 120 -8.86 9.64 6.37
C GLY A 120 -8.73 9.57 7.88
N LYS A 121 -9.84 9.76 8.59
CA LYS A 121 -9.84 9.69 10.04
C LYS A 121 -10.61 8.47 10.52
N ASP A 122 -10.06 7.78 11.52
CA ASP A 122 -10.74 6.61 12.07
C ASP A 122 -12.18 6.96 12.44
N TYR A 123 -13.09 6.05 12.11
CA TYR A 123 -14.52 6.32 12.26
C TYR A 123 -15.14 5.26 13.16
N ILE A 124 -15.06 4.01 12.74
CA ILE A 124 -15.54 2.90 13.54
C ILE A 124 -14.71 1.65 13.29
N ALA A 125 -14.50 0.86 14.35
CA ALA A 125 -13.70 -0.35 14.23
C ALA A 125 -14.27 -1.49 15.06
N LEU A 126 -14.25 -2.68 14.49
CA LEU A 126 -14.63 -3.88 15.22
C LEU A 126 -13.49 -4.18 16.19
N ASN A 127 -13.82 -4.39 17.46
CA ASN A 127 -12.81 -4.67 18.47
C ASN A 127 -12.22 -6.05 18.28
N GLU A 128 -11.08 -6.30 18.92
CA GLU A 128 -10.39 -7.57 18.75
C GLU A 128 -11.26 -8.75 19.18
N ASP A 129 -12.21 -8.51 20.08
CA ASP A 129 -13.11 -9.56 20.55
C ASP A 129 -14.07 -10.01 19.45
N LEU A 130 -14.09 -9.27 18.34
CA LEU A 130 -14.99 -9.55 17.22
C LEU A 130 -16.45 -9.55 17.66
N SER A 131 -16.76 -8.76 18.68
CA SER A 131 -18.10 -8.75 19.26
C SER A 131 -18.59 -7.34 19.60
N SER A 132 -17.67 -6.42 19.81
CA SER A 132 -18.03 -5.05 20.17
C SER A 132 -17.38 -4.04 19.22
N TRP A 133 -17.89 -2.81 19.25
CA TRP A 133 -17.38 -1.75 18.37
C TRP A 133 -16.73 -0.62 19.14
N THR A 134 -15.81 0.08 18.49
CA THR A 134 -15.29 1.33 19.00
C THR A 134 -15.62 2.44 18.00
N ALA A 135 -16.48 3.37 18.41
CA ALA A 135 -16.89 4.49 17.56
C ALA A 135 -16.11 5.73 17.94
N ALA A 136 -15.63 6.46 16.93
CA ALA A 136 -14.74 7.59 17.18
C ALA A 136 -15.46 8.84 17.69
N ASP A 137 -16.74 8.95 17.39
CA ASP A 137 -17.51 10.13 17.75
C ASP A 137 -19.01 9.87 17.73
N THR A 138 -19.80 10.91 17.98
CA THR A 138 -21.25 10.77 18.05
C THR A 138 -21.88 10.39 16.71
N ALA A 139 -21.20 10.67 15.62
CA ALA A 139 -21.67 10.24 14.30
C ALA A 139 -21.48 8.74 14.17
N ALA A 140 -20.27 8.27 14.47
CA ALA A 140 -19.98 6.85 14.41
C ALA A 140 -20.86 6.06 15.38
N GLN A 141 -21.29 6.71 16.46
CA GLN A 141 -22.20 6.07 17.40
C GLN A 141 -23.51 5.69 16.76
N ILE A 142 -23.95 6.50 15.79
CA ILE A 142 -25.19 6.19 15.07
C ILE A 142 -25.00 4.95 14.21
N THR A 143 -23.87 4.89 13.51
CA THR A 143 -23.52 3.71 12.73
C THR A 143 -23.46 2.50 13.67
N GLN A 144 -22.86 2.69 14.84
CA GLN A 144 -22.76 1.61 15.82
C GLN A 144 -24.11 1.03 16.23
N ARG A 145 -25.04 1.90 16.61
CA ARG A 145 -26.38 1.45 17.00
C ARG A 145 -27.04 0.71 15.84
N LYS A 146 -26.87 1.23 14.62
CA LYS A 146 -27.37 0.57 13.43
C LYS A 146 -26.83 -0.84 13.28
N TRP A 147 -25.52 -0.98 13.43
CA TRP A 147 -24.86 -2.26 13.21
C TRP A 147 -25.16 -3.26 14.32
N GLU A 148 -25.26 -2.78 15.55
CA GLU A 148 -25.70 -3.63 16.65
C GLU A 148 -27.09 -4.19 16.36
N ALA A 149 -27.98 -3.33 15.88
CA ALA A 149 -29.35 -3.73 15.57
C ALA A 149 -29.43 -4.77 14.47
N ALA A 150 -28.48 -4.72 13.53
CA ALA A 150 -28.47 -5.66 12.42
C ALA A 150 -27.58 -6.87 12.71
N ARG A 151 -27.05 -6.92 13.93
CA ARG A 151 -26.16 -8.00 14.33
C ARG A 151 -24.97 -8.15 13.38
N VAL A 152 -24.38 -7.03 12.99
CA VAL A 152 -23.25 -7.03 12.05
C VAL A 152 -22.01 -7.72 12.63
N ALA A 153 -21.70 -7.42 13.89
CA ALA A 153 -20.52 -7.99 14.54
C ALA A 153 -20.53 -9.51 14.48
N GLU A 154 -21.69 -10.09 14.78
CA GLU A 154 -21.84 -11.53 14.76
C GLU A 154 -21.54 -12.12 13.37
N GLN A 155 -21.88 -11.38 12.34
CA GLN A 155 -21.69 -11.86 10.97
C GLN A 155 -20.24 -11.73 10.52
N LEU A 156 -19.61 -10.62 10.91
CA LEU A 156 -18.18 -10.44 10.65
C LEU A 156 -17.38 -11.51 11.38
N ARG A 157 -17.71 -11.76 12.63
CA ARG A 157 -17.00 -12.78 13.40
C ARG A 157 -17.09 -14.13 12.69
N ALA A 158 -18.28 -14.48 12.22
CA ALA A 158 -18.48 -15.73 11.51
C ALA A 158 -17.64 -15.78 10.23
N TYR A 159 -17.59 -14.66 9.52
CA TYR A 159 -16.78 -14.58 8.31
C TYR A 159 -15.30 -14.71 8.64
N LEU A 160 -14.83 -13.88 9.56
CA LEU A 160 -13.41 -13.78 9.88
C LEU A 160 -12.83 -15.07 10.45
N GLU A 161 -13.63 -15.79 11.23
CA GLU A 161 -13.19 -17.04 11.84
C GLU A 161 -13.38 -18.22 10.91
N GLY A 162 -14.27 -18.07 9.94
CA GLY A 162 -14.60 -19.15 9.02
C GLY A 162 -14.06 -18.95 7.62
N LEU A 163 -14.90 -18.38 6.75
CA LEU A 163 -14.56 -18.21 5.34
C LEU A 163 -13.23 -17.49 5.08
N CYS A 164 -12.95 -16.46 5.88
CA CYS A 164 -11.74 -15.68 5.68
C CYS A 164 -10.49 -16.56 5.81
N VAL A 165 -10.45 -17.34 6.89
CA VAL A 165 -9.32 -18.22 7.13
C VAL A 165 -9.24 -19.34 6.09
N GLU A 166 -10.38 -19.93 5.77
CA GLU A 166 -10.44 -21.00 4.79
C GLU A 166 -9.90 -20.57 3.44
N TRP A 167 -10.41 -19.46 2.92
CA TRP A 167 -9.97 -18.95 1.64
C TRP A 167 -8.51 -18.55 1.67
N LEU A 168 -8.09 -17.92 2.76
CA LEU A 168 -6.69 -17.55 2.88
C LEU A 168 -5.79 -18.78 2.77
N ARG A 169 -6.13 -19.83 3.51
CA ARG A 169 -5.33 -21.05 3.47
C ARG A 169 -5.35 -21.67 2.07
N ARG A 170 -6.50 -21.58 1.41
CA ARG A 170 -6.60 -22.06 0.03
C ARG A 170 -5.66 -21.28 -0.90
N TYR A 171 -5.68 -19.96 -0.79
CA TYR A 171 -4.82 -19.11 -1.61
C TYR A 171 -3.34 -19.41 -1.33
N LEU A 172 -3.00 -19.54 -0.05
CA LEU A 172 -1.63 -19.85 0.35
C LEU A 172 -1.13 -21.15 -0.28
N GLU A 173 -2.03 -22.12 -0.41
CA GLU A 173 -1.67 -23.39 -1.04
C GLU A 173 -1.54 -23.23 -2.54
N ASN A 174 -2.54 -22.62 -3.16
CA ASN A 174 -2.52 -22.42 -4.61
C ASN A 174 -1.35 -21.58 -5.08
N GLY A 175 -0.94 -20.61 -4.26
CA GLY A 175 0.16 -19.74 -4.62
C GLY A 175 1.41 -19.97 -3.79
N LYS A 176 1.57 -21.19 -3.31
CA LYS A 176 2.64 -21.49 -2.35
C LYS A 176 4.05 -21.17 -2.86
N GLU A 177 4.27 -21.30 -4.16
CA GLU A 177 5.59 -21.06 -4.74
C GLU A 177 6.04 -19.60 -4.61
N THR A 178 5.08 -18.71 -4.42
CA THR A 178 5.37 -17.29 -4.26
C THR A 178 4.95 -16.76 -2.89
N LEU A 179 3.71 -17.01 -2.52
CA LEU A 179 3.17 -16.51 -1.25
C LEU A 179 3.96 -17.05 -0.06
N GLN A 180 4.39 -18.30 -0.16
CA GLN A 180 5.13 -18.92 0.94
C GLN A 180 6.63 -18.96 0.66
N ARG A 181 7.09 -18.06 -0.20
CA ARG A 181 8.51 -17.91 -0.48
C ARG A 181 8.98 -16.52 -0.04
N ALA A 182 9.92 -16.50 0.90
CA ALA A 182 10.53 -15.24 1.32
C ALA A 182 11.82 -15.01 0.55
N ASP A 183 11.88 -13.90 -0.18
CA ASP A 183 13.08 -13.52 -0.91
C ASP A 183 13.90 -12.53 -0.10
N PRO A 184 15.12 -12.92 0.27
CA PRO A 184 15.98 -12.06 1.10
C PRO A 184 16.46 -10.85 0.33
N PRO A 185 16.74 -9.75 1.04
CA PRO A 185 17.23 -8.54 0.39
C PRO A 185 18.65 -8.72 -0.11
N LYS A 186 18.94 -8.22 -1.30
CA LYS A 186 20.32 -8.08 -1.75
C LYS A 186 20.82 -6.77 -1.18
N THR A 187 21.90 -6.81 -0.43
CA THR A 187 22.34 -5.62 0.30
C THR A 187 23.75 -5.16 -0.05
N HIS A 188 23.95 -3.86 -0.07
CA HIS A 188 25.27 -3.27 -0.22
C HIS A 188 25.30 -1.85 0.35
N VAL A 189 26.50 -1.32 0.55
CA VAL A 189 26.67 0.04 1.03
C VAL A 189 27.35 0.91 -0.02
N THR A 190 26.75 2.07 -0.31
CA THR A 190 27.37 3.02 -1.22
C THR A 190 27.89 4.23 -0.46
N HIS A 191 28.85 4.91 -1.06
CA HIS A 191 29.53 6.03 -0.41
C HIS A 191 29.46 7.26 -1.30
N HIS A 192 28.89 8.33 -0.78
CA HIS A 192 28.76 9.58 -1.54
C HIS A 192 29.31 10.77 -0.78
N PRO A 193 30.53 11.20 -1.14
CA PRO A 193 31.13 12.38 -0.50
C PRO A 193 30.24 13.60 -0.67
N VAL A 194 30.01 14.34 0.41
CA VAL A 194 29.22 15.56 0.35
C VAL A 194 30.13 16.78 0.48
N SER A 195 31.20 16.63 1.24
CA SER A 195 32.18 17.69 1.41
C SER A 195 33.53 17.10 1.77
N ASP A 196 34.49 17.95 2.14
CA ASP A 196 35.83 17.50 2.46
C ASP A 196 35.88 16.67 3.76
N HIS A 197 34.97 16.94 4.68
CA HIS A 197 35.01 16.28 5.97
C HIS A 197 33.73 15.51 6.32
N GLU A 198 32.87 15.32 5.33
CA GLU A 198 31.69 14.48 5.52
C GLU A 198 31.31 13.72 4.25
N ALA A 199 30.71 12.56 4.44
CA ALA A 199 30.25 11.74 3.34
C ALA A 199 29.01 10.96 3.76
N THR A 200 28.18 10.58 2.79
CA THR A 200 26.97 9.82 3.08
C THR A 200 27.20 8.33 2.86
N LEU A 201 26.86 7.53 3.87
CA LEU A 201 26.81 6.09 3.71
C LEU A 201 25.36 5.67 3.53
N ARG A 202 25.07 5.04 2.40
CA ARG A 202 23.71 4.57 2.12
C ARG A 202 23.67 3.05 2.08
N CYS A 203 22.90 2.47 2.98
CA CYS A 203 22.73 1.02 3.03
C CYS A 203 21.51 0.60 2.23
N TRP A 204 21.73 -0.23 1.22
CA TRP A 204 20.68 -0.65 0.30
C TRP A 204 20.14 -2.04 0.60
N ALA A 205 18.82 -2.19 0.48
CA ALA A 205 18.18 -3.50 0.48
C ALA A 205 17.30 -3.59 -0.76
N LEU A 206 17.56 -4.57 -1.61
CA LEU A 206 16.88 -4.67 -2.89
C LEU A 206 16.33 -6.07 -3.16
N GLY A 207 15.20 -6.12 -3.85
CA GLY A 207 14.63 -7.37 -4.32
C GLY A 207 14.06 -8.28 -3.26
N PHE A 208 13.59 -7.71 -2.15
CA PHE A 208 13.06 -8.56 -1.07
C PHE A 208 11.55 -8.70 -1.08
N TYR A 209 11.08 -9.79 -0.49
CA TYR A 209 9.66 -10.04 -0.27
C TYR A 209 9.53 -10.98 0.93
N PRO A 210 8.61 -10.68 1.86
CA PRO A 210 7.63 -9.58 1.84
C PRO A 210 8.27 -8.24 2.19
N ALA A 211 7.45 -7.21 2.30
CA ALA A 211 7.92 -5.84 2.47
C ALA A 211 8.53 -5.58 3.84
N GLU A 212 8.07 -6.29 4.85
CA GLU A 212 8.57 -6.09 6.22
C GLU A 212 10.09 -6.27 6.27
N ILE A 213 10.78 -5.27 6.81
CA ILE A 213 12.22 -5.29 6.86
C ILE A 213 12.72 -4.26 7.86
N THR A 214 13.87 -4.53 8.47
CA THR A 214 14.48 -3.55 9.37
C THR A 214 15.88 -3.19 8.90
N LEU A 215 16.09 -1.89 8.65
CA LEU A 215 17.39 -1.35 8.26
C LEU A 215 17.83 -0.33 9.29
N THR A 216 18.97 -0.55 9.92
CA THR A 216 19.48 0.37 10.93
C THR A 216 20.98 0.63 10.78
N TRP A 217 21.39 1.85 11.10
CA TRP A 217 22.81 2.20 11.14
C TRP A 217 23.27 2.30 12.58
N GLN A 218 24.42 1.70 12.89
CA GLN A 218 25.04 1.86 14.20
C GLN A 218 26.41 2.53 14.06
N ARG A 219 26.72 3.39 15.02
CA ARG A 219 28.04 4.01 15.11
C ARG A 219 28.68 3.57 16.41
N ASP A 220 29.80 2.85 16.31
CA ASP A 220 30.45 2.26 17.48
C ASP A 220 29.47 1.36 18.23
N GLY A 221 28.57 0.72 17.50
CA GLY A 221 27.63 -0.22 18.09
C GLY A 221 26.38 0.42 18.65
N GLU A 222 26.22 1.71 18.45
CA GLU A 222 25.04 2.43 18.96
C GLU A 222 24.12 2.88 17.83
N ASP A 223 22.83 2.56 17.96
CA ASP A 223 21.84 2.95 16.97
C ASP A 223 21.86 4.46 16.71
N GLN A 224 21.71 4.82 15.44
CA GLN A 224 21.73 6.23 15.03
C GLN A 224 20.37 6.65 14.50
N THR A 225 19.31 6.23 15.18
CA THR A 225 17.94 6.47 14.73
C THR A 225 17.69 7.91 14.30
N GLN A 226 18.05 8.85 15.17
CA GLN A 226 17.74 10.26 14.93
C GLN A 226 18.54 10.88 13.78
N ASP A 227 19.66 10.27 13.42
CA ASP A 227 20.50 10.81 12.36
C ASP A 227 20.42 10.01 11.05
N THR A 228 19.63 8.95 11.08
CA THR A 228 19.47 8.10 9.90
C THR A 228 18.28 8.54 9.04
N GLU A 229 18.54 8.78 7.76
CA GLU A 229 17.45 9.03 6.81
C GLU A 229 16.96 7.72 6.24
N LEU A 230 15.70 7.40 6.52
CA LEU A 230 15.13 6.12 6.16
C LEU A 230 13.96 6.32 5.21
N VAL A 231 14.16 6.04 3.92
CA VAL A 231 13.07 6.20 2.96
C VAL A 231 12.02 5.11 3.13
N GLU A 232 10.81 5.41 2.66
CA GLU A 232 9.72 4.46 2.75
C GLU A 232 9.99 3.28 1.82
N THR A 233 9.70 2.08 2.31
CA THR A 233 9.81 0.88 1.49
C THR A 233 8.95 1.05 0.24
N ARG A 234 9.54 0.79 -0.92
CA ARG A 234 8.88 1.04 -2.20
C ARG A 234 8.85 -0.21 -3.06
N PRO A 235 7.84 -0.33 -3.93
CA PRO A 235 7.67 -1.50 -4.79
C PRO A 235 8.56 -1.41 -6.03
N ALA A 236 9.18 -2.53 -6.42
CA ALA A 236 10.00 -2.55 -7.63
C ALA A 236 9.14 -2.75 -8.86
N GLY A 237 7.96 -3.34 -8.68
CA GLY A 237 7.05 -3.58 -9.77
C GLY A 237 7.07 -5.02 -10.26
N ASP A 238 7.88 -5.84 -9.60
CA ASP A 238 8.01 -7.26 -9.94
C ASP A 238 7.70 -8.11 -8.72
N ARG A 239 6.88 -7.56 -7.82
CA ARG A 239 6.50 -8.18 -6.56
C ARG A 239 7.50 -7.97 -5.40
N THR A 240 8.68 -7.46 -5.71
CA THR A 240 9.72 -7.30 -4.70
C THR A 240 9.73 -5.83 -4.26
N PHE A 241 10.45 -5.56 -3.18
CA PHE A 241 10.51 -4.22 -2.61
C PHE A 241 11.93 -3.71 -2.44
N GLN A 242 12.05 -2.40 -2.26
CA GLN A 242 13.34 -1.74 -2.08
C GLN A 242 13.28 -0.81 -0.88
N LYS A 243 14.43 -0.59 -0.24
CA LYS A 243 14.55 0.35 0.86
C LYS A 243 16.00 0.75 1.04
N TRP A 244 16.23 1.97 1.49
CA TRP A 244 17.58 2.35 1.92
C TRP A 244 17.58 3.23 3.17
N ALA A 245 18.71 3.19 3.87
CA ALA A 245 18.93 4.00 5.06
C ALA A 245 20.27 4.70 4.88
N ALA A 246 20.32 5.97 5.24
CA ALA A 246 21.54 6.74 5.02
C ALA A 246 21.94 7.55 6.24
N VAL A 247 23.25 7.72 6.42
CA VAL A 247 23.79 8.56 7.47
C VAL A 247 24.91 9.42 6.90
N VAL A 248 25.02 10.65 7.40
CA VAL A 248 26.13 11.50 7.02
C VAL A 248 27.22 11.36 8.07
N VAL A 249 28.38 10.88 7.65
CA VAL A 249 29.45 10.58 8.60
C VAL A 249 30.68 11.43 8.32
N PRO A 250 31.51 11.64 9.35
CA PRO A 250 32.80 12.33 9.19
C PRO A 250 33.75 11.51 8.33
N SER A 251 34.38 12.16 7.36
CA SER A 251 35.32 11.47 6.48
C SER A 251 36.43 10.81 7.28
N GLY A 252 36.69 9.55 6.97
CA GLY A 252 37.73 8.80 7.67
C GLY A 252 37.19 7.99 8.83
N GLU A 253 35.93 8.22 9.18
CA GLU A 253 35.30 7.49 10.26
C GLU A 253 34.29 6.46 9.75
N GLU A 254 34.35 6.19 8.45
CA GLU A 254 33.40 5.29 7.79
C GLU A 254 33.34 3.90 8.43
N GLN A 255 34.50 3.38 8.84
CA GLN A 255 34.55 2.01 9.36
C GLN A 255 33.98 1.88 10.77
N ARG A 256 33.59 3.01 11.36
CA ARG A 256 32.97 2.98 12.67
C ARG A 256 31.46 2.74 12.56
N TYR A 257 30.97 2.71 11.32
CA TYR A 257 29.55 2.52 11.06
C TYR A 257 29.24 1.13 10.50
N THR A 258 28.17 0.53 11.01
CA THR A 258 27.71 -0.76 10.51
C THR A 258 26.22 -0.70 10.20
N CYS A 259 25.84 -1.30 9.08
CA CYS A 259 24.44 -1.39 8.70
C CYS A 259 23.90 -2.77 9.08
N HIS A 260 22.71 -2.79 9.66
CA HIS A 260 22.13 -4.04 10.14
C HIS A 260 20.79 -4.30 9.47
N VAL A 261 20.62 -5.51 8.96
CA VAL A 261 19.43 -5.85 8.19
C VAL A 261 18.72 -7.06 8.77
N GLN A 262 17.42 -6.89 9.05
CA GLN A 262 16.59 -8.00 9.48
C GLN A 262 15.49 -8.23 8.44
N HIS A 263 15.37 -9.46 7.99
CA HIS A 263 14.30 -9.83 7.06
C HIS A 263 13.96 -11.31 7.18
N GLU A 264 12.68 -11.62 7.08
CA GLU A 264 12.20 -12.99 7.20
C GLU A 264 12.96 -13.97 6.31
N GLY A 265 13.41 -13.47 5.15
CA GLY A 265 14.10 -14.32 4.19
C GLY A 265 15.55 -14.58 4.54
N LEU A 266 16.06 -13.90 5.57
CA LEU A 266 17.46 -14.01 5.93
C LEU A 266 17.72 -15.13 6.94
N PRO A 267 18.56 -16.10 6.56
CA PRO A 267 18.96 -17.22 7.41
C PRO A 267 19.59 -16.71 8.71
N LYS A 268 19.92 -15.42 8.73
CA LYS A 268 20.55 -14.79 9.89
C LYS A 268 20.74 -13.31 9.60
N PRO A 269 20.45 -12.44 10.58
CA PRO A 269 20.60 -11.00 10.42
C PRO A 269 21.97 -10.63 9.83
N LEU A 270 22.01 -9.58 9.03
CA LEU A 270 23.23 -9.19 8.33
C LEU A 270 23.86 -7.95 8.93
N THR A 271 25.20 -7.90 8.87
CA THR A 271 25.94 -6.70 9.23
C THR A 271 26.81 -6.32 8.06
N LEU A 272 26.71 -5.06 7.63
CA LEU A 272 27.47 -4.58 6.48
C LEU A 272 28.25 -3.33 6.82
N ARG A 273 29.38 -3.15 6.12
CA ARG A 273 30.13 -1.90 6.18
C ARG A 273 30.43 -1.46 4.77
N TRP A 274 30.82 -0.20 4.62
CA TRP A 274 31.30 0.28 3.34
C TRP A 274 32.61 -0.43 3.00
N GLU A 275 32.68 -0.98 1.79
CA GLU A 275 33.88 -1.67 1.34
C GLU A 275 34.49 -0.89 0.18
N PRO A 276 35.52 -0.08 0.47
CA PRO A 276 36.17 0.82 -0.49
C PRO A 276 36.50 0.13 -1.82
N ILE B 1 -6.62 17.83 7.59
CA ILE B 1 -7.66 17.26 6.72
C ILE B 1 -7.03 16.55 5.52
N GLN B 2 -5.99 17.16 4.96
CA GLN B 2 -5.35 16.62 3.76
C GLN B 2 -3.87 16.34 3.97
N ARG B 3 -3.35 15.37 3.22
CA ARG B 3 -1.95 14.97 3.33
C ARG B 3 -1.26 14.99 1.97
N THR B 4 -0.10 15.64 1.91
CA THR B 4 0.63 15.78 0.66
C THR B 4 1.43 14.52 0.33
N PRO B 5 1.50 14.17 -0.96
CA PRO B 5 2.16 12.94 -1.40
C PRO B 5 3.68 12.95 -1.20
N LYS B 6 4.20 11.87 -0.66
CA LYS B 6 5.63 11.60 -0.71
C LYS B 6 5.91 11.07 -2.11
N ILE B 7 7.08 11.38 -2.65
CA ILE B 7 7.42 10.97 -4.01
C ILE B 7 8.81 10.35 -4.09
N GLN B 8 8.90 9.19 -4.73
CA GLN B 8 10.19 8.58 -5.03
C GLN B 8 10.27 8.20 -6.50
N VAL B 9 11.32 8.65 -7.17
CA VAL B 9 11.58 8.28 -8.56
C VAL B 9 12.81 7.39 -8.61
N TYR B 10 12.67 6.22 -9.23
CA TYR B 10 13.72 5.20 -9.20
C TYR B 10 13.49 4.15 -10.28
N SER B 11 14.46 3.25 -10.45
CA SER B 11 14.35 2.19 -11.44
C SER B 11 14.11 0.84 -10.77
N ARG B 12 13.51 -0.09 -11.51
CA ARG B 12 13.24 -1.43 -10.99
C ARG B 12 14.54 -2.20 -10.78
N HIS B 13 15.40 -2.21 -11.79
CA HIS B 13 16.70 -2.84 -11.72
C HIS B 13 17.79 -1.77 -11.67
N PRO B 14 18.99 -2.13 -11.20
CA PRO B 14 20.11 -1.17 -11.19
C PRO B 14 20.28 -0.57 -12.58
N ALA B 15 20.56 0.74 -12.65
CA ALA B 15 20.61 1.44 -13.92
C ALA B 15 21.94 1.26 -14.65
N GLU B 16 21.85 0.81 -15.90
CA GLU B 16 23.01 0.72 -16.78
C GLU B 16 22.65 1.37 -18.10
N ASN B 17 23.40 2.40 -18.48
CA ASN B 17 23.15 3.08 -19.73
C ASN B 17 23.07 2.10 -20.90
N GLY B 18 22.00 2.22 -21.69
CA GLY B 18 21.85 1.41 -22.89
C GLY B 18 21.01 0.16 -22.72
N LYS B 19 20.71 -0.21 -21.47
CA LYS B 19 19.91 -1.41 -21.24
C LYS B 19 18.47 -1.06 -20.88
N SER B 20 17.53 -1.92 -21.27
CA SER B 20 16.12 -1.69 -20.98
C SER B 20 15.85 -1.91 -19.50
N ASN B 21 14.98 -1.08 -18.95
CA ASN B 21 14.68 -1.11 -17.53
C ASN B 21 13.24 -0.65 -17.33
N PHE B 22 12.85 -0.42 -16.07
CA PHE B 22 11.56 0.16 -15.77
C PHE B 22 11.72 1.37 -14.87
N LEU B 23 11.10 2.47 -15.27
CA LEU B 23 11.13 3.70 -14.50
C LEU B 23 9.90 3.76 -13.60
N ASN B 24 10.14 3.94 -12.31
CA ASN B 24 9.08 3.96 -11.31
C ASN B 24 8.91 5.33 -10.69
N CYS B 25 7.66 5.76 -10.51
CA CYS B 25 7.35 6.86 -9.61
C CYS B 25 6.33 6.40 -8.60
N TYR B 26 6.75 6.34 -7.33
CA TYR B 26 5.93 5.84 -6.25
C TYR B 26 5.44 7.01 -5.40
N VAL B 27 4.14 7.27 -5.47
CA VAL B 27 3.51 8.31 -4.65
C VAL B 27 2.80 7.65 -3.47
N SER B 28 2.99 8.20 -2.28
CA SER B 28 2.42 7.59 -1.07
C SER B 28 2.14 8.60 0.02
N GLY B 29 1.40 8.16 1.04
CA GLY B 29 1.10 9.01 2.17
C GLY B 29 0.14 10.16 1.89
N PHE B 30 -0.54 10.14 0.74
CA PHE B 30 -1.42 11.25 0.39
C PHE B 30 -2.90 11.00 0.68
N HIS B 31 -3.67 12.09 0.73
CA HIS B 31 -5.09 12.05 1.02
C HIS B 31 -5.63 13.46 0.74
N PRO B 32 -6.70 13.56 -0.07
CA PRO B 32 -7.52 12.51 -0.66
C PRO B 32 -6.80 11.77 -1.80
N SER B 33 -7.52 10.89 -2.49
CA SER B 33 -6.91 9.96 -3.43
C SER B 33 -6.67 10.51 -4.82
N ASP B 34 -7.46 11.49 -5.23
CA ASP B 34 -7.27 12.12 -6.54
C ASP B 34 -5.85 12.65 -6.65
N ILE B 35 -5.15 12.22 -7.68
CA ILE B 35 -3.78 12.64 -7.88
C ILE B 35 -3.42 12.56 -9.36
N GLU B 36 -2.60 13.49 -9.83
CA GLU B 36 -2.12 13.48 -11.20
C GLU B 36 -0.63 13.15 -11.20
N VAL B 37 -0.25 12.11 -11.94
CA VAL B 37 1.14 11.70 -12.00
C VAL B 37 1.58 11.44 -13.44
N ASP B 38 2.64 12.12 -13.86
CA ASP B 38 3.20 11.93 -15.19
C ASP B 38 4.69 11.63 -15.11
N LEU B 39 5.16 10.78 -16.02
CA LEU B 39 6.58 10.51 -16.15
C LEU B 39 7.14 11.30 -17.31
N LEU B 40 8.22 12.05 -17.06
CA LEU B 40 8.79 12.93 -18.06
C LEU B 40 10.10 12.39 -18.62
N LYS B 41 10.31 12.59 -19.92
CA LYS B 41 11.60 12.32 -20.53
C LYS B 41 12.11 13.60 -21.18
N ASN B 42 13.09 14.23 -20.56
CA ASN B 42 13.58 15.52 -21.01
C ASN B 42 12.47 16.57 -21.05
N GLY B 43 11.66 16.59 -20.00
CA GLY B 43 10.61 17.58 -19.87
C GLY B 43 9.30 17.22 -20.54
N GLU B 44 9.33 16.22 -21.41
CA GLU B 44 8.14 15.81 -22.16
C GLU B 44 7.42 14.63 -21.52
N ARG B 45 6.09 14.70 -21.51
CA ARG B 45 5.27 13.65 -20.91
C ARG B 45 5.36 12.35 -21.70
N ILE B 46 5.69 11.26 -21.02
CA ILE B 46 5.75 9.95 -21.65
C ILE B 46 4.35 9.37 -21.79
N GLU B 47 4.09 8.74 -22.93
CA GLU B 47 2.82 8.10 -23.21
C GLU B 47 2.79 6.67 -22.69
N LYS B 48 1.58 6.12 -22.57
CA LYS B 48 1.39 4.73 -22.17
C LYS B 48 2.11 4.38 -20.87
N VAL B 49 2.00 5.26 -19.88
CA VAL B 49 2.44 4.96 -18.53
C VAL B 49 1.32 4.22 -17.81
N GLU B 50 1.68 3.18 -17.05
CA GLU B 50 0.69 2.41 -16.33
C GLU B 50 0.74 2.70 -14.84
N HIS B 51 -0.23 2.19 -14.10
CA HIS B 51 -0.24 2.38 -12.65
C HIS B 51 -0.98 1.26 -11.93
N SER B 52 -0.68 1.12 -10.64
CA SER B 52 -1.30 0.10 -9.82
C SER B 52 -2.72 0.48 -9.42
N ASP B 53 -3.44 -0.47 -8.84
CA ASP B 53 -4.79 -0.23 -8.36
C ASP B 53 -4.74 0.50 -7.03
N LEU B 54 -5.66 1.44 -6.85
CA LEU B 54 -5.69 2.27 -5.65
C LEU B 54 -5.80 1.41 -4.39
N SER B 55 -4.87 1.63 -3.48
CA SER B 55 -4.92 0.99 -2.17
C SER B 55 -4.41 1.97 -1.14
N PHE B 56 -4.40 1.57 0.13
CA PHE B 56 -3.97 2.46 1.19
C PHE B 56 -3.27 1.75 2.35
N SER B 57 -2.53 2.54 3.13
CA SER B 57 -1.75 2.01 4.25
C SER B 57 -2.57 2.01 5.54
N LYS B 58 -1.96 1.52 6.61
CA LYS B 58 -2.65 1.43 7.91
C LYS B 58 -3.14 2.78 8.42
N ASP B 59 -2.42 3.85 8.06
CA ASP B 59 -2.80 5.19 8.49
C ASP B 59 -3.82 5.83 7.54
N TRP B 60 -4.37 5.01 6.64
CA TRP B 60 -5.41 5.42 5.71
C TRP B 60 -4.91 6.22 4.49
N SER B 61 -3.64 6.61 4.51
CA SER B 61 -3.07 7.34 3.38
C SER B 61 -2.94 6.42 2.17
N PHE B 62 -3.17 6.98 0.98
CA PHE B 62 -3.16 6.21 -0.25
C PHE B 62 -1.75 6.05 -0.82
N TYR B 63 -1.57 5.04 -1.66
CA TYR B 63 -0.33 4.91 -2.44
C TYR B 63 -0.61 4.35 -3.83
N LEU B 64 0.20 4.80 -4.78
CA LEU B 64 0.11 4.34 -6.17
C LEU B 64 1.52 4.21 -6.74
N LEU B 65 1.71 3.22 -7.60
CA LEU B 65 2.94 3.09 -8.37
C LEU B 65 2.66 3.36 -9.84
N TYR B 66 3.36 4.35 -10.40
CA TYR B 66 3.29 4.62 -11.82
C TYR B 66 4.60 4.14 -12.46
N TYR B 67 4.50 3.48 -13.62
CA TYR B 67 5.67 2.85 -14.20
C TYR B 67 5.61 2.75 -15.72
N THR B 68 6.79 2.70 -16.35
CA THR B 68 6.89 2.49 -17.78
C THR B 68 8.27 1.95 -18.14
N GLU B 69 8.35 1.23 -19.24
CA GLU B 69 9.64 0.77 -19.75
C GLU B 69 10.46 1.98 -20.19
N PHE B 70 11.77 1.93 -19.95
CA PHE B 70 12.68 2.98 -20.41
C PHE B 70 14.12 2.47 -20.47
N THR B 71 14.93 3.14 -21.29
CA THR B 71 16.34 2.77 -21.43
C THR B 71 17.23 3.96 -21.05
N PRO B 72 17.81 3.90 -19.84
CA PRO B 72 18.63 5.00 -19.30
C PRO B 72 19.85 5.27 -20.16
N THR B 73 20.33 6.51 -20.14
CA THR B 73 21.54 6.91 -20.85
C THR B 73 22.27 7.99 -20.05
N GLU B 74 23.37 8.48 -20.59
CA GLU B 74 24.16 9.51 -19.91
C GLU B 74 23.44 10.86 -19.89
N LYS B 75 22.87 11.25 -21.04
CA LYS B 75 22.30 12.58 -21.21
C LYS B 75 20.82 12.64 -20.82
N ASP B 76 20.04 11.68 -21.29
CA ASP B 76 18.59 11.69 -21.07
C ASP B 76 18.22 11.95 -19.62
N GLU B 77 17.30 12.89 -19.43
CA GLU B 77 16.85 13.28 -18.09
C GLU B 77 15.43 12.81 -17.88
N TYR B 78 15.19 12.06 -16.80
CA TYR B 78 13.84 11.62 -16.48
C TYR B 78 13.37 12.23 -15.17
N ALA B 79 12.05 12.35 -15.02
CA ALA B 79 11.47 12.93 -13.81
C ALA B 79 10.04 12.49 -13.63
N CYS B 80 9.47 12.89 -12.49
CA CYS B 80 8.08 12.58 -12.18
C CYS B 80 7.37 13.87 -11.81
N ARG B 81 6.26 14.15 -12.49
CA ARG B 81 5.48 15.36 -12.22
C ARG B 81 4.19 15.00 -11.48
N VAL B 82 4.06 15.48 -10.26
CA VAL B 82 2.91 15.14 -9.43
C VAL B 82 2.07 16.36 -9.09
N ASN B 83 0.77 16.25 -9.34
CA ASN B 83 -0.17 17.27 -8.90
C ASN B 83 -1.20 16.69 -7.93
N HIS B 84 -1.44 17.43 -6.85
CA HIS B 84 -2.38 17.01 -5.82
C HIS B 84 -3.04 18.26 -5.25
N VAL B 85 -4.21 18.11 -4.66
CA VAL B 85 -4.96 19.25 -4.13
C VAL B 85 -4.14 20.02 -3.09
N THR B 86 -3.20 19.34 -2.45
CA THR B 86 -2.37 19.94 -1.41
C THR B 86 -1.24 20.80 -1.98
N LEU B 87 -1.00 20.69 -3.28
CA LEU B 87 0.13 21.36 -3.92
C LEU B 87 -0.28 22.61 -4.69
N SER B 88 0.35 23.74 -4.37
CA SER B 88 0.07 25.00 -5.06
C SER B 88 0.30 24.84 -6.57
N GLN B 89 1.42 24.22 -6.92
CA GLN B 89 1.70 23.87 -8.31
C GLN B 89 2.31 22.47 -8.36
N PRO B 90 2.25 21.82 -9.53
CA PRO B 90 2.79 20.47 -9.69
C PRO B 90 4.24 20.38 -9.22
N LYS B 91 4.60 19.24 -8.62
CA LYS B 91 5.95 19.04 -8.13
C LYS B 91 6.74 18.12 -9.05
N ILE B 92 7.90 18.59 -9.50
CA ILE B 92 8.77 17.80 -10.35
C ILE B 92 9.89 17.18 -9.54
N VAL B 93 10.02 15.86 -9.62
CA VAL B 93 11.11 15.16 -8.96
C VAL B 93 11.94 14.42 -10.00
N LYS B 94 13.19 14.82 -10.14
CA LYS B 94 14.08 14.22 -11.13
C LYS B 94 14.61 12.87 -10.66
N TRP B 95 14.75 11.94 -11.60
CA TRP B 95 15.32 10.64 -11.29
C TRP B 95 16.80 10.76 -10.99
N ASP B 96 17.18 10.35 -9.79
CA ASP B 96 18.59 10.28 -9.39
C ASP B 96 18.93 8.80 -9.20
N ARG B 97 19.79 8.27 -10.06
CA ARG B 97 20.07 6.84 -10.08
C ARG B 97 20.76 6.35 -8.80
N ASP B 98 21.11 7.27 -7.92
CA ASP B 98 21.72 6.92 -6.65
C ASP B 98 20.70 6.98 -5.51
N MET B 99 19.42 7.10 -5.87
CA MET B 99 18.36 7.25 -4.88
C MET B 99 17.27 6.19 -5.06
N ARG C 1 -11.52 -14.41 -0.62
CA ARG C 1 -12.95 -14.26 -0.88
C ARG C 1 -13.55 -13.21 0.06
N PRO C 2 -14.21 -12.18 -0.51
CA PRO C 2 -14.72 -11.05 0.27
C PRO C 2 -15.91 -11.39 1.15
N GLN C 3 -16.18 -10.53 2.13
CA GLN C 3 -17.32 -10.68 3.02
C GLN C 3 -18.60 -10.20 2.34
N VAL C 4 -19.67 -10.97 2.48
CA VAL C 4 -20.96 -10.56 1.92
C VAL C 4 -21.59 -9.53 2.83
N PRO C 5 -22.09 -8.43 2.35
CA PRO C 5 -22.75 -7.52 3.30
C PRO C 5 -23.99 -8.29 3.83
N LEU C 6 -24.44 -8.03 5.07
CA LEU C 6 -25.62 -8.70 5.64
C LEU C 6 -26.50 -7.70 4.89
N ARG C 7 -27.80 -7.75 5.22
CA ARG C 7 -28.97 -7.41 4.39
C ARG C 7 -29.26 -5.90 4.51
N PRO C 8 -28.69 -5.01 3.70
CA PRO C 8 -27.38 -5.04 3.07
C PRO C 8 -27.03 -3.66 3.61
N MET C 9 -25.99 -3.65 4.43
CA MET C 9 -25.86 -2.90 5.68
C MET C 9 -25.12 -1.56 5.65
N THR C 10 -25.84 -0.46 5.55
CA THR C 10 -25.18 0.82 5.33
C THR C 10 -24.69 1.42 6.64
N TYR C 11 -23.73 2.32 6.56
CA TYR C 11 -23.23 3.04 7.73
C TYR C 11 -24.33 3.92 8.30
#